data_3G2P
#
_entry.id   3G2P
#
_cell.length_a   126.469
_cell.length_b   72.451
_cell.length_c   75.246
_cell.angle_alpha   90.000
_cell.angle_beta   104.190
_cell.angle_gamma   90.000
#
_symmetry.space_group_name_H-M   'C 1 2 1'
#
loop_
_entity.id
_entity.type
_entity.pdbx_description
1 polymer PCZA361.24
2 non-polymer S-ADENOSYL-L-HOMOCYSTEINE
3 water water
#
_entity_poly.entity_id   1
_entity_poly.type   'polypeptide(L)'
_entity_poly.pdbx_seq_one_letter_code
;MGSSHHHHHHSGGLVPRGSMSNQLERGPVRTPHADVLLASVGERGVLCDFYDEGAADTYRDLIQDADGTSEAREFATRTG
PVSGPVLELAAGMGRLTFPFLDLGWEVTALELSTSVLAAFRKRLAEAPADVRDRCTLVQGDMSAFALDKRFGTVVISSGS
INELDEADRRGLYASVREHLEPGGKFLLSLAMSEAAESEPLERKQELPGRSGRRYVLHVRHLPAEEIQEITIHPADETTD
PFVVCTHRRRLLAPDQVVRELVRSGFDVIAQTPFASGGAGRKDMVLVEAVMPGATADAR
;
_entity_poly.pdbx_strand_id   A,B
#
# COMPACT_ATOMS: atom_id res chain seq x y z
N GLY A 27 -18.54 1.62 13.19
CA GLY A 27 -18.03 0.89 14.39
C GLY A 27 -16.84 -0.01 14.10
N PRO A 28 -17.02 -1.34 14.23
CA PRO A 28 -16.01 -2.30 13.76
C PRO A 28 -16.09 -2.46 12.23
N VAL A 29 -15.22 -3.29 11.65
CA VAL A 29 -15.25 -3.54 10.21
C VAL A 29 -16.27 -4.63 9.88
N ARG A 30 -17.27 -4.30 9.06
CA ARG A 30 -18.29 -5.26 8.66
C ARG A 30 -17.81 -6.09 7.47
N THR A 31 -17.26 -7.28 7.72
CA THR A 31 -16.72 -8.12 6.63
C THR A 31 -17.84 -8.87 5.94
N PRO A 32 -17.57 -9.48 4.78
CA PRO A 32 -18.70 -10.11 4.09
C PRO A 32 -19.18 -11.39 4.79
N HIS A 33 -18.24 -12.15 5.35
CA HIS A 33 -18.57 -13.39 6.05
C HIS A 33 -19.28 -13.11 7.34
N ALA A 34 -18.89 -12.02 8.01
CA ALA A 34 -19.51 -11.59 9.24
C ALA A 34 -20.95 -11.18 8.97
N ASP A 35 -21.16 -10.49 7.84
CA ASP A 35 -22.49 -10.07 7.42
C ASP A 35 -23.50 -11.20 7.43
N VAL A 36 -23.18 -12.26 6.70
CA VAL A 36 -23.98 -13.49 6.66
C VAL A 36 -24.19 -14.09 8.05
N LEU A 37 -23.10 -14.32 8.79
CA LEU A 37 -23.22 -14.89 10.13
C LEU A 37 -24.20 -14.11 10.99
N LEU A 38 -23.98 -12.81 11.12
CA LEU A 38 -24.80 -11.94 12.00
C LEU A 38 -26.26 -11.87 11.62
N ALA A 39 -26.52 -11.95 10.31
CA ALA A 39 -27.87 -12.05 9.79
C ALA A 39 -28.49 -13.38 10.24
N SER A 40 -27.79 -14.46 9.94
CA SER A 40 -28.19 -15.83 10.27
C SER A 40 -28.42 -16.09 11.76
N VAL A 41 -27.83 -15.27 12.62
CA VAL A 41 -27.76 -15.57 14.02
C VAL A 41 -28.59 -14.62 14.88
N GLY A 42 -28.97 -13.48 14.29
CA GLY A 42 -30.04 -12.59 14.80
C GLY A 42 -29.92 -11.88 16.15
N GLU A 43 -28.72 -11.90 16.73
CA GLU A 43 -28.42 -11.25 18.03
C GLU A 43 -29.25 -11.74 19.22
N ARG A 44 -28.73 -12.63 20.08
CA ARG A 44 -27.51 -13.46 19.94
C ARG A 44 -26.15 -12.84 19.50
N GLY A 45 -25.92 -12.76 18.19
CA GLY A 45 -24.65 -12.32 17.63
C GLY A 45 -24.30 -10.86 17.81
N VAL A 46 -23.00 -10.59 17.93
CA VAL A 46 -22.43 -9.25 18.14
C VAL A 46 -21.15 -9.09 17.30
N LEU A 47 -21.10 -8.03 16.49
CA LEU A 47 -19.93 -7.70 15.68
C LEU A 47 -18.92 -6.83 16.42
N CYS A 48 -17.69 -7.32 16.54
CA CYS A 48 -16.63 -6.61 17.25
C CYS A 48 -15.35 -6.49 16.46
N ASP A 49 -14.61 -5.41 16.72
CA ASP A 49 -13.22 -5.38 16.28
C ASP A 49 -12.43 -6.31 17.19
N PHE A 50 -11.39 -6.93 16.66
CA PHE A 50 -10.57 -7.87 17.41
C PHE A 50 -9.75 -7.26 18.58
N TYR A 51 -9.92 -5.95 18.86
CA TYR A 51 -9.12 -5.27 19.88
C TYR A 51 -9.86 -4.72 21.06
N ASP A 52 -11.18 -4.66 20.96
CA ASP A 52 -12.03 -4.32 22.11
C ASP A 52 -12.18 -5.59 22.96
N GLU A 53 -13.41 -5.89 23.39
CA GLU A 53 -13.71 -7.18 24.02
C GLU A 53 -13.48 -8.37 23.06
N GLY A 54 -12.71 -9.37 23.51
CA GLY A 54 -12.16 -9.40 24.88
C GLY A 54 -11.39 -10.70 25.14
N ALA A 55 -12.13 -11.79 25.28
CA ALA A 55 -11.57 -13.15 25.39
C ALA A 55 -10.29 -13.37 24.56
N ALA A 56 -10.25 -12.78 23.35
CA ALA A 56 -9.10 -12.85 22.42
C ALA A 56 -8.53 -14.26 22.23
N ALA A 66 0.18 -14.53 23.21
CA ALA A 66 1.24 -14.31 22.22
C ALA A 66 2.48 -15.20 22.46
N ASP A 67 2.73 -16.14 21.53
CA ASP A 67 3.93 -16.98 21.61
C ASP A 67 4.69 -17.11 20.30
N GLY A 68 5.94 -16.67 20.33
CA GLY A 68 6.78 -16.75 19.15
C GLY A 68 8.20 -16.95 19.61
N THR A 69 8.55 -18.20 19.89
CA THR A 69 9.93 -18.53 20.20
C THR A 69 10.59 -19.03 18.93
N SER A 70 9.78 -19.36 17.94
CA SER A 70 10.30 -19.81 16.67
C SER A 70 10.74 -18.61 15.83
N GLU A 71 10.10 -17.47 16.06
CA GLU A 71 10.43 -16.24 15.36
C GLU A 71 11.67 -15.64 16.00
N ALA A 72 11.64 -15.44 17.31
CA ALA A 72 12.86 -15.08 18.04
C ALA A 72 14.07 -15.93 17.61
N ARG A 73 13.86 -17.25 17.52
CA ARG A 73 14.93 -18.17 17.20
C ARG A 73 15.45 -17.83 15.83
N GLU A 74 14.54 -17.54 14.90
CA GLU A 74 14.94 -17.09 13.56
C GLU A 74 15.84 -15.87 13.59
N PHE A 75 15.56 -14.92 14.48
CA PHE A 75 16.40 -13.73 14.61
C PHE A 75 17.79 -14.08 15.09
N ALA A 76 17.87 -15.01 16.05
CA ALA A 76 19.14 -15.40 16.71
C ALA A 76 20.06 -16.10 15.73
N THR A 77 19.55 -17.16 15.11
CA THR A 77 20.21 -17.82 13.98
C THR A 77 20.91 -16.81 13.07
N ARG A 78 20.22 -15.72 12.76
CA ARG A 78 20.74 -14.76 11.77
C ARG A 78 21.63 -13.67 12.44
N THR A 79 22.11 -13.92 13.65
CA THR A 79 23.24 -13.17 14.25
C THR A 79 24.30 -14.09 14.90
N VAL A 82 25.92 -13.27 19.18
CA VAL A 82 25.83 -11.82 19.16
C VAL A 82 26.99 -11.15 19.90
N SER A 83 27.55 -10.11 19.28
CA SER A 83 28.64 -9.33 19.88
C SER A 83 28.20 -8.51 21.11
N GLY A 84 27.30 -7.53 20.88
CA GLY A 84 26.88 -6.58 21.92
C GLY A 84 25.39 -6.57 22.23
N PRO A 85 24.87 -5.41 22.69
CA PRO A 85 23.45 -5.22 22.97
C PRO A 85 22.62 -5.09 21.69
N VAL A 86 21.32 -5.40 21.79
CA VAL A 86 20.34 -5.38 20.67
C VAL A 86 19.19 -4.41 20.92
N LEU A 87 18.83 -3.63 19.90
CA LEU A 87 17.66 -2.76 20.02
C LEU A 87 16.40 -3.34 19.33
N GLU A 88 15.38 -3.66 20.11
CA GLU A 88 14.13 -4.03 19.53
C GLU A 88 13.14 -2.87 19.47
N LEU A 89 12.65 -2.57 18.27
CA LEU A 89 11.74 -1.45 18.04
C LEU A 89 10.29 -1.86 18.18
N ALA A 90 9.49 -1.05 18.84
CA ALA A 90 8.09 -1.37 19.04
C ALA A 90 7.98 -2.78 19.62
N ALA A 91 8.61 -2.97 20.77
CA ALA A 91 8.76 -4.29 21.37
C ALA A 91 7.47 -4.77 21.95
N GLY A 92 6.44 -3.96 21.84
CA GLY A 92 5.14 -4.37 22.32
C GLY A 92 5.30 -4.85 23.73
N MET A 93 4.80 -6.05 24.00
CA MET A 93 4.74 -6.55 25.36
C MET A 93 5.82 -7.56 25.69
N GLY A 94 6.77 -7.74 24.76
CA GLY A 94 7.89 -8.64 24.98
C GLY A 94 7.74 -10.01 24.37
N ARG A 95 6.75 -10.18 23.49
CA ARG A 95 6.60 -11.44 22.75
C ARG A 95 7.93 -12.00 22.27
N LEU A 96 8.73 -11.20 21.56
CA LEU A 96 10.08 -11.61 21.19
C LEU A 96 11.12 -11.19 22.22
N THR A 97 10.88 -10.08 22.94
CA THR A 97 11.90 -9.48 23.82
C THR A 97 12.32 -10.45 24.90
N PHE A 98 11.35 -11.17 25.45
CA PHE A 98 11.65 -12.13 26.49
C PHE A 98 12.43 -13.31 25.94
N PRO A 99 11.91 -14.01 24.91
CA PRO A 99 12.74 -15.02 24.25
C PRO A 99 14.15 -14.53 24.01
N PHE A 100 14.32 -13.28 23.58
CA PHE A 100 15.64 -12.70 23.36
C PHE A 100 16.44 -12.65 24.66
N LEU A 101 15.82 -12.14 25.72
CA LEU A 101 16.45 -12.11 27.03
C LEU A 101 16.78 -13.50 27.56
N ASP A 102 15.97 -14.49 27.21
CA ASP A 102 16.24 -15.87 27.60
C ASP A 102 17.55 -16.41 27.04
N LEU A 103 17.95 -15.89 25.87
CA LEU A 103 19.22 -16.25 25.23
C LEU A 103 20.39 -15.39 25.75
N GLY A 104 20.18 -14.68 26.86
CA GLY A 104 21.25 -13.89 27.48
C GLY A 104 21.56 -12.49 26.93
N TRP A 105 20.81 -12.06 25.92
CA TRP A 105 21.04 -10.80 25.21
C TRP A 105 20.74 -9.59 26.06
N GLU A 106 21.46 -8.49 25.84
CA GLU A 106 21.06 -7.18 26.38
C GLU A 106 20.09 -6.54 25.42
N VAL A 107 18.90 -6.21 25.90
CA VAL A 107 17.91 -5.63 24.99
C VAL A 107 17.38 -4.26 25.42
N THR A 108 17.52 -3.29 24.55
CA THR A 108 16.83 -2.03 24.72
C THR A 108 15.51 -2.14 23.95
N ALA A 109 14.41 -2.33 24.68
CA ALA A 109 13.13 -2.46 24.05
C ALA A 109 12.45 -1.10 23.99
N LEU A 110 12.10 -0.64 22.78
CA LEU A 110 11.48 0.69 22.55
C LEU A 110 10.01 0.58 22.15
N GLU A 111 9.13 1.29 22.85
CA GLU A 111 7.70 1.14 22.62
C GLU A 111 7.02 2.50 22.65
N LEU A 112 5.95 2.70 21.88
CA LEU A 112 5.34 4.01 21.83
C LEU A 112 4.22 4.16 22.83
N SER A 113 3.48 3.07 23.05
CA SER A 113 2.31 3.09 23.91
C SER A 113 2.72 3.07 25.35
N THR A 114 2.40 4.11 26.10
CA THR A 114 2.79 4.11 27.52
C THR A 114 2.06 2.99 28.28
N SER A 115 0.86 2.62 27.83
CA SER A 115 0.11 1.57 28.52
C SER A 115 0.74 0.21 28.28
N VAL A 116 1.07 -0.11 27.03
CA VAL A 116 1.85 -1.32 26.73
C VAL A 116 3.18 -1.30 27.48
N LEU A 117 3.85 -0.15 27.44
CA LEU A 117 5.07 0.03 28.18
C LEU A 117 4.89 -0.32 29.64
N ALA A 118 3.79 0.13 30.25
CA ALA A 118 3.47 -0.17 31.65
C ALA A 118 3.31 -1.68 31.86
N ALA A 119 2.66 -2.35 30.91
CA ALA A 119 2.37 -3.77 31.02
C ALA A 119 3.65 -4.54 30.89
N PHE A 120 4.50 -4.17 29.93
CA PHE A 120 5.82 -4.78 29.77
C PHE A 120 6.56 -4.73 31.10
N ARG A 121 6.50 -3.57 31.76
CA ARG A 121 7.26 -3.36 32.98
C ARG A 121 6.71 -4.18 34.13
N LYS A 122 5.44 -4.57 34.03
CA LYS A 122 4.80 -5.50 34.98
C LYS A 122 5.33 -6.93 34.82
N ARG A 123 5.33 -7.46 33.59
CA ARG A 123 5.98 -8.74 33.28
C ARG A 123 7.45 -8.72 33.70
N LEU A 124 8.16 -7.67 33.31
CA LEU A 124 9.58 -7.55 33.64
C LEU A 124 9.85 -7.57 35.15
N ALA A 125 8.96 -6.96 35.91
CA ALA A 125 9.09 -6.95 37.37
C ALA A 125 9.08 -8.37 37.98
N GLU A 126 8.30 -9.28 37.40
CA GLU A 126 8.08 -10.63 37.93
C GLU A 126 9.06 -11.68 37.35
N ALA A 127 10.23 -11.24 36.93
CA ALA A 127 11.21 -12.16 36.35
C ALA A 127 12.61 -11.90 36.91
N PRO A 128 13.39 -12.98 37.14
CA PRO A 128 14.74 -13.00 37.69
C PRO A 128 15.63 -11.78 37.38
N ALA A 129 16.10 -11.11 38.45
CA ALA A 129 16.91 -9.88 38.38
C ALA A 129 18.02 -9.84 37.33
N ASP A 130 18.58 -11.00 37.01
CA ASP A 130 19.53 -11.12 35.91
C ASP A 130 18.82 -10.87 34.57
N VAL A 131 17.72 -11.60 34.34
CA VAL A 131 16.88 -11.37 33.18
C VAL A 131 16.51 -9.89 33.15
N ARG A 132 15.89 -9.43 34.24
CA ARG A 132 15.50 -8.03 34.39
C ARG A 132 16.59 -7.00 34.06
N ASP A 133 17.84 -7.29 34.42
CA ASP A 133 18.86 -6.25 34.32
C ASP A 133 19.53 -6.04 32.95
N ARG A 134 19.33 -6.96 32.02
CA ARG A 134 19.80 -6.74 30.65
C ARG A 134 18.76 -6.01 29.76
N CYS A 135 17.57 -5.76 30.34
CA CYS A 135 16.48 -5.12 29.65
C CYS A 135 16.34 -3.65 30.02
N THR A 136 16.26 -2.79 29.01
CA THR A 136 16.04 -1.36 29.21
C THR A 136 14.80 -0.98 28.40
N LEU A 137 13.78 -0.45 29.06
CA LEU A 137 12.60 0.04 28.33
C LEU A 137 12.78 1.49 28.06
N VAL A 138 12.27 1.94 26.91
CA VAL A 138 12.35 3.34 26.50
C VAL A 138 11.13 3.71 25.70
N GLN A 139 10.46 4.78 26.10
CA GLN A 139 9.43 5.35 25.27
C GLN A 139 10.08 5.97 24.03
N GLY A 140 9.36 5.94 22.91
CA GLY A 140 9.92 6.37 21.62
C GLY A 140 9.02 6.10 20.44
N ASP A 141 9.19 6.94 19.42
CA ASP A 141 8.56 6.74 18.12
C ASP A 141 9.55 6.14 17.09
N MET A 142 9.38 4.86 16.75
CA MET A 142 10.31 4.17 15.86
C MET A 142 10.48 4.87 14.50
N SER A 143 9.54 5.76 14.15
CA SER A 143 9.72 6.54 12.93
C SER A 143 10.67 7.77 13.11
N ALA A 144 10.90 8.16 14.35
CA ALA A 144 11.67 9.35 14.63
C ALA A 144 12.12 9.28 16.08
N PHE A 145 13.16 8.48 16.30
CA PHE A 145 13.65 8.18 17.63
C PHE A 145 15.15 8.41 17.65
N ALA A 146 15.69 8.69 18.82
CA ALA A 146 17.08 9.00 18.96
C ALA A 146 17.59 8.66 20.37
N LEU A 147 18.49 7.68 20.43
CA LEU A 147 19.03 7.21 21.70
C LEU A 147 20.50 7.60 21.90
N ASP A 148 20.90 7.80 23.15
CA ASP A 148 22.33 8.07 23.44
C ASP A 148 23.06 6.74 23.43
N LYS A 149 23.15 6.13 22.25
CA LYS A 149 23.61 4.74 22.11
C LYS A 149 23.55 4.25 20.65
N ARG A 150 24.61 3.56 20.20
CA ARG A 150 24.57 2.80 18.95
C ARG A 150 24.51 1.29 19.24
N PHE A 151 24.41 0.47 18.19
CA PHE A 151 23.95 -0.91 18.34
C PHE A 151 24.45 -1.83 17.26
N GLY A 152 24.89 -3.02 17.66
CA GLY A 152 25.43 -3.98 16.71
C GLY A 152 24.31 -4.61 15.92
N THR A 153 23.17 -4.77 16.56
CA THR A 153 22.01 -5.42 15.97
C THR A 153 20.76 -4.63 16.33
N VAL A 154 19.92 -4.37 15.32
CA VAL A 154 18.61 -3.71 15.51
C VAL A 154 17.53 -4.58 14.88
N VAL A 155 16.49 -4.94 15.66
CA VAL A 155 15.46 -5.87 15.20
C VAL A 155 14.07 -5.28 15.28
N ILE A 156 13.23 -5.65 14.32
CA ILE A 156 11.84 -5.20 14.21
C ILE A 156 10.95 -6.30 13.63
N SER A 157 9.80 -6.52 14.24
CA SER A 157 8.94 -7.66 13.87
C SER A 157 7.92 -7.18 12.84
N SER A 158 7.43 -8.11 12.01
CA SER A 158 6.52 -7.80 10.92
C SER A 158 5.37 -6.99 11.44
N GLY A 159 4.79 -7.47 12.55
CA GLY A 159 3.70 -6.77 13.24
C GLY A 159 3.96 -5.27 13.26
N SER A 160 5.13 -4.88 13.76
CA SER A 160 5.48 -3.50 14.00
C SER A 160 5.70 -2.66 12.74
N ILE A 161 6.58 -3.10 11.84
CA ILE A 161 6.82 -2.32 10.61
C ILE A 161 5.54 -1.99 9.85
N ASN A 162 4.63 -2.93 9.80
CA ASN A 162 3.32 -2.70 9.20
C ASN A 162 2.39 -1.68 9.88
N GLU A 163 2.78 -1.15 11.03
CA GLU A 163 1.98 -0.10 11.60
C GLU A 163 2.26 1.25 10.92
N LEU A 164 3.38 1.35 10.23
CA LEU A 164 3.85 2.61 9.66
C LEU A 164 3.43 2.78 8.20
N ASP A 165 3.01 3.99 7.82
CA ASP A 165 2.80 4.28 6.41
C ASP A 165 4.12 4.45 5.67
N GLU A 166 4.05 4.92 4.44
CA GLU A 166 5.25 4.90 3.64
C GLU A 166 6.23 5.92 4.17
N ALA A 167 5.69 7.08 4.58
CA ALA A 167 6.47 8.20 5.06
C ALA A 167 7.21 7.79 6.34
N ASP A 168 6.46 7.42 7.35
CA ASP A 168 7.07 7.01 8.59
C ASP A 168 8.06 5.88 8.36
N ARG A 169 7.81 5.04 7.37
CA ARG A 169 8.74 3.92 7.12
C ARG A 169 10.10 4.46 6.77
N ARG A 170 10.12 5.49 5.93
CA ARG A 170 11.36 6.17 5.60
C ARG A 170 12.03 6.72 6.88
N GLY A 171 11.23 7.26 7.81
CA GLY A 171 11.72 7.83 9.06
C GLY A 171 12.44 6.77 9.85
N LEU A 172 11.78 5.62 9.95
CA LEU A 172 12.33 4.41 10.56
C LEU A 172 13.68 4.03 9.97
N TYR A 173 13.77 3.97 8.64
CA TYR A 173 15.02 3.56 8.01
C TYR A 173 16.08 4.55 8.37
N ALA A 174 15.77 5.84 8.18
CA ALA A 174 16.72 6.88 8.50
C ALA A 174 17.14 6.71 9.97
N SER A 175 16.16 6.71 10.87
CA SER A 175 16.43 6.55 12.28
C SER A 175 17.38 5.39 12.51
N VAL A 176 16.99 4.18 12.11
CA VAL A 176 17.78 2.95 12.34
C VAL A 176 19.23 3.11 11.93
N ARG A 177 19.47 3.62 10.71
CA ARG A 177 20.81 3.82 10.18
C ARG A 177 21.69 4.58 11.18
N GLU A 178 21.08 5.57 11.82
CA GLU A 178 21.74 6.39 12.83
C GLU A 178 22.03 5.68 14.16
N HIS A 179 21.53 4.45 14.32
CA HIS A 179 21.68 3.71 15.59
C HIS A 179 22.43 2.41 15.44
N LEU A 180 23.00 2.19 14.26
CA LEU A 180 23.76 0.98 14.03
C LEU A 180 25.22 1.27 14.27
N GLU A 181 25.88 0.56 15.15
CA GLU A 181 27.35 0.57 15.12
C GLU A 181 27.85 0.06 13.76
N PRO A 182 29.06 0.48 13.34
CA PRO A 182 29.60 0.03 12.05
C PRO A 182 29.55 -1.47 11.94
N GLY A 183 29.15 -1.96 10.77
CA GLY A 183 29.05 -3.40 10.55
C GLY A 183 27.81 -4.04 11.13
N GLY A 184 27.06 -3.33 11.99
CA GLY A 184 25.83 -3.83 12.60
C GLY A 184 24.71 -4.20 11.61
N LYS A 185 23.85 -5.17 11.95
CA LYS A 185 22.72 -5.57 11.08
C LYS A 185 21.34 -5.07 11.50
N PHE A 186 20.49 -4.85 10.52
CA PHE A 186 19.10 -4.55 10.73
C PHE A 186 18.30 -5.81 10.33
N LEU A 187 17.62 -6.41 11.30
CA LEU A 187 16.92 -7.67 11.11
C LEU A 187 15.42 -7.42 11.21
N LEU A 188 14.68 -7.90 10.21
CA LEU A 188 13.25 -7.68 10.09
C LEU A 188 12.55 -9.01 9.78
N SER A 189 11.47 -9.29 10.50
CA SER A 189 10.55 -10.36 10.11
C SER A 189 9.45 -9.66 9.35
N LEU A 190 8.85 -10.36 8.39
CA LEU A 190 7.86 -9.79 7.48
C LEU A 190 6.92 -10.85 7.02
N ALA A 191 5.64 -10.74 7.39
CA ALA A 191 4.60 -11.70 6.97
C ALA A 191 4.49 -11.75 5.45
N MET A 192 4.26 -12.94 4.91
CA MET A 192 4.24 -13.15 3.48
C MET A 192 2.92 -13.76 3.05
N SER A 193 2.10 -12.95 2.39
CA SER A 193 0.84 -13.44 1.83
C SER A 193 1.13 -14.41 0.70
N GLU A 194 0.13 -15.23 0.39
CA GLU A 194 0.17 -16.10 -0.79
C GLU A 194 0.62 -15.31 -2.04
N ALA A 195 -0.07 -14.19 -2.29
CA ALA A 195 0.21 -13.34 -3.45
C ALA A 195 1.64 -12.84 -3.46
N ALA A 196 2.18 -12.47 -2.30
CA ALA A 196 3.60 -12.08 -2.23
C ALA A 196 4.53 -13.28 -2.26
N GLU A 197 4.03 -14.46 -1.93
CA GLU A 197 4.90 -15.63 -1.92
C GLU A 197 5.21 -16.10 -3.33
N SER A 198 4.20 -15.99 -4.19
CA SER A 198 4.27 -16.45 -5.57
C SER A 198 5.26 -15.69 -6.43
N GLU A 199 5.75 -16.37 -7.45
CA GLU A 199 6.41 -15.72 -8.59
C GLU A 199 5.35 -15.00 -9.40
N PRO A 200 5.37 -13.64 -9.40
CA PRO A 200 4.34 -12.88 -10.14
C PRO A 200 4.24 -13.35 -11.60
N LEU A 201 3.01 -13.48 -12.09
CA LEU A 201 2.79 -13.97 -13.45
C LEU A 201 3.31 -12.99 -14.50
N GLU A 202 4.10 -13.53 -15.44
CA GLU A 202 4.63 -12.77 -16.56
C GLU A 202 3.59 -12.75 -17.67
N ARG A 203 3.67 -11.76 -18.54
CA ARG A 203 2.90 -11.78 -19.78
C ARG A 203 3.70 -11.21 -20.98
N LYS A 204 4.31 -12.11 -21.75
CA LYS A 204 5.06 -11.76 -22.97
C LYS A 204 4.13 -11.18 -24.04
N GLN A 205 4.66 -10.30 -24.91
CA GLN A 205 3.88 -9.82 -26.04
C GLN A 205 4.68 -9.76 -27.34
N GLU A 206 3.97 -9.43 -28.43
CA GLU A 206 4.49 -9.34 -29.80
C GLU A 206 4.04 -8.00 -30.41
N LEU A 207 4.71 -6.92 -30.01
CA LEU A 207 4.37 -5.58 -30.47
C LEU A 207 5.50 -5.00 -31.35
N PRO A 208 5.30 -4.97 -32.69
CA PRO A 208 6.28 -4.32 -33.57
C PRO A 208 6.27 -2.78 -33.45
N GLY A 209 7.37 -2.15 -33.87
CA GLY A 209 7.48 -0.68 -33.87
C GLY A 209 6.93 -0.06 -35.15
N ARG A 210 7.36 1.17 -35.47
CA ARG A 210 6.94 1.84 -36.70
C ARG A 210 8.05 1.93 -37.75
N TYR A 215 9.57 -6.50 -31.43
CA TYR A 215 9.87 -6.46 -30.00
C TYR A 215 9.07 -7.46 -29.16
N VAL A 216 9.57 -7.71 -27.95
CA VAL A 216 8.94 -8.57 -26.95
C VAL A 216 8.77 -7.75 -25.66
N LEU A 217 7.55 -7.64 -25.16
CA LEU A 217 7.31 -6.84 -23.97
C LEU A 217 7.03 -7.73 -22.78
N HIS A 218 7.75 -7.50 -21.68
CA HIS A 218 7.53 -8.21 -20.41
C HIS A 218 6.87 -7.35 -19.33
N VAL A 219 5.62 -7.69 -19.00
CA VAL A 219 4.91 -7.05 -17.91
C VAL A 219 4.90 -8.00 -16.73
N ARG A 220 5.14 -7.44 -15.55
CA ARG A 220 4.88 -8.12 -14.28
C ARG A 220 4.13 -7.20 -13.34
N HIS A 221 3.14 -7.74 -12.66
CA HIS A 221 2.52 -7.03 -11.55
C HIS A 221 3.06 -7.56 -10.24
N LEU A 222 3.99 -6.79 -9.69
CA LEU A 222 4.62 -7.10 -8.43
C LEU A 222 3.69 -6.64 -7.33
N PRO A 223 3.52 -7.47 -6.28
CA PRO A 223 2.74 -7.04 -5.10
C PRO A 223 3.54 -6.04 -4.30
N ALA A 224 2.87 -5.01 -3.81
CA ALA A 224 3.52 -4.07 -2.88
C ALA A 224 2.84 -4.01 -1.51
N GLU A 225 1.50 -3.95 -1.47
CA GLU A 225 0.79 -3.78 -0.20
C GLU A 225 -0.63 -4.31 -0.29
N GLU A 226 -0.98 -5.18 0.64
CA GLU A 226 -2.36 -5.62 0.71
C GLU A 226 -2.96 -5.14 2.01
N ILE A 227 -4.22 -5.49 2.23
CA ILE A 227 -4.89 -5.38 3.54
C ILE A 227 -5.26 -6.80 3.99
N GLN A 228 -4.63 -7.26 5.07
CA GLN A 228 -5.03 -8.52 5.69
C GLN A 228 -6.32 -8.30 6.49
N GLU A 229 -7.34 -9.08 6.14
CA GLU A 229 -8.61 -9.00 6.83
C GLU A 229 -8.87 -10.34 7.50
N ILE A 230 -9.17 -10.31 8.82
CA ILE A 230 -9.48 -11.53 9.56
C ILE A 230 -10.92 -11.53 10.08
N THR A 231 -11.49 -12.71 10.24
CA THR A 231 -12.78 -12.85 10.88
C THR A 231 -12.75 -14.06 11.81
N ILE A 232 -13.01 -13.86 13.10
CA ILE A 232 -12.95 -14.98 14.02
C ILE A 232 -14.26 -15.10 14.74
N HIS A 233 -14.80 -16.32 14.81
CA HIS A 233 -16.04 -16.61 15.49
C HIS A 233 -15.98 -18.05 16.02
N PRO A 234 -16.73 -18.36 17.10
CA PRO A 234 -16.81 -19.73 17.61
C PRO A 234 -17.36 -20.69 16.56
N ALA A 235 -16.96 -21.95 16.64
CA ALA A 235 -17.37 -22.96 15.66
C ALA A 235 -18.86 -23.35 15.74
N ASP A 236 -19.56 -22.97 16.81
CA ASP A 236 -20.98 -23.29 16.92
C ASP A 236 -21.91 -22.29 16.19
N GLU A 237 -22.86 -21.71 16.92
CA GLU A 237 -23.81 -20.70 16.41
C GLU A 237 -24.80 -20.46 17.54
N THR A 238 -24.93 -21.48 18.39
CA THR A 238 -25.54 -21.34 19.70
C THR A 238 -24.65 -20.40 20.54
N THR A 239 -23.75 -20.96 21.33
CA THR A 239 -22.79 -20.18 22.15
C THR A 239 -23.43 -19.14 23.08
N ASP A 240 -23.91 -18.03 22.51
CA ASP A 240 -24.59 -16.94 23.23
C ASP A 240 -23.80 -16.30 24.39
N PRO A 241 -23.24 -15.09 24.18
CA PRO A 241 -23.42 -14.35 22.92
C PRO A 241 -22.52 -14.90 21.83
N PHE A 242 -22.84 -14.61 20.57
CA PHE A 242 -21.97 -14.99 19.47
C PHE A 242 -21.19 -13.79 19.03
N VAL A 243 -19.96 -13.67 19.52
CA VAL A 243 -19.13 -12.53 19.16
C VAL A 243 -18.30 -12.80 17.92
N VAL A 244 -18.47 -11.92 16.93
CA VAL A 244 -17.75 -11.99 15.66
C VAL A 244 -16.67 -10.93 15.63
N CYS A 245 -15.42 -11.37 15.50
CA CYS A 245 -14.25 -10.51 15.55
C CYS A 245 -13.67 -10.21 14.19
N THR A 246 -13.66 -8.93 13.82
CA THR A 246 -13.07 -8.51 12.54
C THR A 246 -11.95 -7.55 12.80
N HIS A 247 -10.91 -7.67 11.98
CA HIS A 247 -9.84 -6.70 11.96
C HIS A 247 -9.21 -6.56 10.57
N ARG A 248 -8.85 -5.33 10.23
CA ARG A 248 -8.15 -5.04 8.97
C ARG A 248 -6.85 -4.41 9.35
N ARG A 249 -5.76 -4.91 8.77
CA ARG A 249 -4.45 -4.27 8.96
C ARG A 249 -3.63 -4.23 7.70
N ARG A 250 -2.65 -3.34 7.68
CA ARG A 250 -1.73 -3.23 6.58
C ARG A 250 -0.89 -4.47 6.53
N LEU A 251 -0.61 -4.95 5.31
CA LEU A 251 0.28 -6.08 5.09
C LEU A 251 1.17 -5.87 3.87
N LEU A 252 2.39 -5.37 4.10
CA LEU A 252 3.33 -5.08 3.00
C LEU A 252 4.01 -6.33 2.49
N ALA A 253 4.16 -6.38 1.16
CA ALA A 253 4.90 -7.40 0.46
C ALA A 253 6.36 -7.29 0.87
N PRO A 254 6.95 -8.38 1.41
CA PRO A 254 8.39 -8.44 1.77
C PRO A 254 9.31 -7.78 0.74
N ASP A 255 9.14 -8.13 -0.54
CA ASP A 255 9.93 -7.52 -1.63
C ASP A 255 9.83 -6.01 -1.67
N GLN A 256 8.62 -5.52 -1.39
CA GLN A 256 8.36 -4.10 -1.29
C GLN A 256 9.24 -3.49 -0.19
N VAL A 257 9.18 -4.02 1.02
CA VAL A 257 10.02 -3.49 2.08
C VAL A 257 11.46 -3.47 1.62
N VAL A 258 11.92 -4.61 1.11
CA VAL A 258 13.29 -4.72 0.59
C VAL A 258 13.70 -3.58 -0.39
N ARG A 259 12.86 -3.29 -1.39
CA ARG A 259 13.11 -2.19 -2.31
C ARG A 259 13.28 -0.89 -1.50
N GLU A 260 12.26 -0.58 -0.68
CA GLU A 260 12.34 0.57 0.23
C GLU A 260 13.69 0.64 0.94
N LEU A 261 14.09 -0.47 1.53
CA LEU A 261 15.39 -0.57 2.21
C LEU A 261 16.61 -0.17 1.34
N VAL A 262 16.70 -0.75 0.13
CA VAL A 262 17.77 -0.43 -0.85
C VAL A 262 17.73 1.06 -1.18
N ARG A 263 16.57 1.52 -1.64
CA ARG A 263 16.30 2.93 -1.96
C ARG A 263 16.70 3.85 -0.83
N SER A 264 16.79 3.34 0.38
CA SER A 264 17.06 4.23 1.48
C SER A 264 18.48 4.07 1.99
N GLY A 265 19.28 3.29 1.27
CA GLY A 265 20.74 3.22 1.49
C GLY A 265 21.27 1.96 2.18
N PHE A 266 20.38 1.09 2.67
CA PHE A 266 20.78 -0.25 3.15
C PHE A 266 21.00 -1.16 1.95
N ASP A 267 21.86 -2.15 2.12
CA ASP A 267 21.92 -3.29 1.20
C ASP A 267 21.28 -4.51 1.88
N VAL A 268 20.42 -5.24 1.16
CA VAL A 268 19.76 -6.43 1.71
C VAL A 268 20.53 -7.70 1.39
N ILE A 269 21.29 -8.17 2.36
CA ILE A 269 22.24 -9.25 2.10
C ILE A 269 21.61 -10.65 2.12
N ALA A 270 20.46 -10.81 2.77
CA ALA A 270 19.74 -12.09 2.78
C ALA A 270 18.22 -11.92 3.00
N GLN A 271 17.44 -12.83 2.45
CA GLN A 271 16.00 -12.88 2.67
C GLN A 271 15.66 -14.33 2.86
N THR A 272 15.07 -14.67 3.98
CA THR A 272 14.86 -16.07 4.28
C THR A 272 13.44 -16.29 4.72
N PRO A 273 12.72 -17.10 3.94
CA PRO A 273 11.41 -17.60 4.28
C PRO A 273 11.47 -18.50 5.51
N PHE A 274 10.49 -18.36 6.39
CA PHE A 274 10.27 -19.34 7.43
C PHE A 274 8.79 -19.42 7.78
N ALA A 275 8.41 -20.54 8.41
CA ALA A 275 7.08 -20.67 8.97
C ALA A 275 7.08 -20.08 10.38
N SER A 276 6.08 -19.26 10.68
CA SER A 276 6.04 -18.61 11.99
C SER A 276 5.79 -19.60 13.11
N GLY A 277 4.87 -20.53 12.91
CA GLY A 277 4.67 -21.61 13.87
C GLY A 277 5.50 -22.86 13.55
N GLY A 278 6.82 -22.73 13.65
CA GLY A 278 7.77 -23.86 13.54
C GLY A 278 7.74 -24.77 12.30
N ALA A 279 6.55 -25.15 11.86
CA ALA A 279 6.35 -25.90 10.61
C ALA A 279 5.08 -25.44 9.89
N GLY A 280 4.82 -26.02 8.71
CA GLY A 280 3.69 -25.64 7.87
C GLY A 280 4.19 -24.92 6.64
N ARG A 281 3.27 -24.26 5.92
CA ARG A 281 3.59 -23.29 4.86
C ARG A 281 4.53 -22.21 5.43
N LYS A 282 5.53 -21.80 4.66
CA LYS A 282 6.39 -20.71 5.10
C LYS A 282 5.59 -19.44 4.86
N ASP A 283 5.36 -18.68 5.93
CA ASP A 283 4.47 -17.51 5.88
C ASP A 283 5.16 -16.24 6.36
N MET A 284 6.48 -16.20 6.17
CA MET A 284 7.29 -15.13 6.70
C MET A 284 8.70 -15.06 6.13
N VAL A 285 9.26 -13.87 6.09
CA VAL A 285 10.58 -13.68 5.54
C VAL A 285 11.47 -12.95 6.54
N LEU A 286 12.70 -13.45 6.67
CA LEU A 286 13.65 -12.85 7.57
C LEU A 286 14.68 -12.13 6.75
N VAL A 287 14.75 -10.81 6.96
CA VAL A 287 15.51 -9.95 6.07
C VAL A 287 16.68 -9.36 6.83
N GLU A 288 17.87 -9.44 6.24
CA GLU A 288 19.04 -8.83 6.85
C GLU A 288 19.52 -7.65 6.03
N ALA A 289 19.76 -6.53 6.70
CA ALA A 289 20.20 -5.35 6.02
C ALA A 289 21.41 -4.83 6.75
N VAL A 290 22.38 -4.32 5.99
CA VAL A 290 23.59 -3.68 6.55
C VAL A 290 23.82 -2.36 5.82
N MET A 291 24.67 -1.48 6.38
CA MET A 291 25.10 -0.26 5.68
C MET A 291 26.35 -0.59 4.84
N PRO A 292 26.37 -0.20 3.56
CA PRO A 292 27.35 -0.78 2.63
C PRO A 292 28.82 -0.68 3.12
N GLY B 27 19.32 5.87 -11.26
CA GLY B 27 19.83 4.97 -12.33
C GLY B 27 18.96 3.75 -12.55
N PRO B 28 18.52 3.51 -13.81
CA PRO B 28 17.69 2.42 -14.32
C PRO B 28 17.60 1.15 -13.47
N VAL B 29 16.38 0.62 -13.37
CA VAL B 29 16.07 -0.56 -12.58
C VAL B 29 16.46 -1.86 -13.28
N ARG B 30 17.24 -2.70 -12.60
CA ARG B 30 17.72 -3.99 -13.15
C ARG B 30 16.85 -5.20 -12.78
N THR B 31 15.84 -5.47 -13.60
CA THR B 31 14.88 -6.56 -13.37
C THR B 31 15.53 -7.96 -13.48
N PRO B 32 14.88 -9.00 -12.90
CA PRO B 32 15.20 -10.40 -13.23
C PRO B 32 15.34 -10.71 -14.73
N HIS B 33 14.33 -10.36 -15.54
CA HIS B 33 14.36 -10.72 -16.97
C HIS B 33 15.43 -9.97 -17.74
N ALA B 34 15.82 -8.80 -17.23
CA ALA B 34 16.92 -8.01 -17.80
C ALA B 34 18.23 -8.77 -17.69
N ASP B 35 18.63 -9.09 -16.47
CA ASP B 35 19.92 -9.74 -16.20
C ASP B 35 20.07 -11.13 -16.82
N VAL B 36 18.96 -11.83 -17.01
CA VAL B 36 18.95 -13.12 -17.71
C VAL B 36 18.88 -12.92 -19.23
N LEU B 37 18.82 -11.66 -19.65
CA LEU B 37 18.99 -11.30 -21.07
C LEU B 37 20.26 -10.47 -21.25
N LEU B 38 20.72 -9.84 -20.17
CA LEU B 38 21.93 -9.02 -20.16
C LEU B 38 23.20 -9.84 -20.34
N ALA B 39 23.15 -11.12 -19.94
CA ALA B 39 24.27 -12.06 -20.11
C ALA B 39 23.97 -13.10 -21.20
N SER B 40 22.69 -13.42 -21.38
CA SER B 40 22.23 -14.31 -22.46
C SER B 40 22.21 -13.57 -23.83
N VAL B 41 23.10 -12.60 -23.98
CA VAL B 41 23.27 -11.83 -25.21
C VAL B 41 24.69 -11.28 -25.29
N GLY B 42 25.33 -11.14 -24.14
CA GLY B 42 26.64 -10.49 -24.03
C GLY B 42 26.52 -8.98 -24.02
N GLU B 43 27.31 -8.33 -24.87
CA GLU B 43 27.41 -6.86 -24.89
C GLU B 43 26.69 -6.16 -26.06
N ARG B 44 26.50 -6.87 -27.19
CA ARG B 44 25.82 -6.29 -28.37
C ARG B 44 24.65 -7.13 -28.88
N CYS B 48 19.40 0.60 -19.48
CA CYS B 48 18.63 1.83 -19.74
C CYS B 48 17.16 1.77 -19.23
N ASP B 49 16.73 2.86 -18.59
CA ASP B 49 15.33 3.06 -18.21
C ASP B 49 14.47 3.34 -19.45
N PHE B 50 13.15 3.31 -19.28
CA PHE B 50 12.19 3.53 -20.37
C PHE B 50 11.81 5.01 -20.49
N TYR B 51 12.43 5.86 -19.67
CA TYR B 51 12.26 7.33 -19.76
C TYR B 51 13.53 8.08 -19.35
N ALA B 66 -1.73 6.51 -26.97
CA ALA B 66 -3.09 5.96 -26.94
C ALA B 66 -4.17 7.04 -27.16
N ASP B 67 -5.40 6.59 -27.36
CA ASP B 67 -6.52 7.45 -27.76
C ASP B 67 -7.53 7.64 -26.65
N GLY B 68 -7.83 8.90 -26.33
CA GLY B 68 -8.65 9.24 -25.18
C GLY B 68 -10.13 9.29 -25.47
N THR B 69 -10.49 8.98 -26.70
CA THR B 69 -11.88 9.03 -27.18
C THR B 69 -12.86 8.18 -26.36
N SER B 70 -12.63 6.86 -26.28
CA SER B 70 -13.46 6.01 -25.44
C SER B 70 -13.46 6.49 -24.00
N GLU B 71 -12.26 6.73 -23.46
CA GLU B 71 -12.14 7.12 -22.04
C GLU B 71 -12.92 8.37 -21.73
N ALA B 72 -12.77 9.41 -22.55
CA ALA B 72 -13.50 10.66 -22.32
C ALA B 72 -15.02 10.44 -22.31
N ARG B 73 -15.49 9.60 -23.24
CA ARG B 73 -16.91 9.33 -23.35
C ARG B 73 -17.39 8.71 -22.05
N GLU B 74 -16.60 7.81 -21.48
CA GLU B 74 -16.98 7.17 -20.23
C GLU B 74 -17.17 8.18 -19.12
N PHE B 75 -16.36 9.24 -19.14
CA PHE B 75 -16.45 10.34 -18.19
C PHE B 75 -17.72 11.07 -18.43
N ALA B 76 -17.99 11.37 -19.70
CA ALA B 76 -19.20 12.10 -20.06
C ALA B 76 -20.51 11.37 -19.69
N THR B 77 -20.48 10.03 -19.76
CA THR B 77 -21.61 9.18 -19.33
C THR B 77 -22.01 9.43 -17.87
N ARG B 78 -21.00 9.57 -17.01
CA ARG B 78 -21.23 9.69 -15.58
C ARG B 78 -21.28 11.16 -15.15
N THR B 79 -21.34 12.06 -16.12
CA THR B 79 -21.34 13.50 -15.84
C THR B 79 -22.72 14.13 -15.95
N GLY B 80 -23.40 13.90 -17.06
CA GLY B 80 -24.70 14.50 -17.31
C GLY B 80 -24.60 15.84 -18.03
N PRO B 81 -25.41 16.84 -17.57
CA PRO B 81 -25.69 18.15 -18.17
C PRO B 81 -24.87 18.59 -19.43
N VAL B 82 -23.66 19.18 -19.34
CA VAL B 82 -23.01 19.74 -18.14
C VAL B 82 -23.22 21.27 -18.06
N SER B 83 -23.62 21.76 -16.90
CA SER B 83 -23.70 23.20 -16.67
C SER B 83 -22.36 23.66 -16.05
N GLY B 84 -21.76 24.68 -16.65
CA GLY B 84 -20.47 25.17 -16.16
C GLY B 84 -19.27 24.36 -16.64
N PRO B 85 -18.07 24.91 -16.40
CA PRO B 85 -16.86 24.42 -17.01
C PRO B 85 -16.28 23.24 -16.20
N VAL B 86 -15.29 22.57 -16.75
CA VAL B 86 -14.70 21.40 -16.13
C VAL B 86 -13.24 21.66 -15.81
N LEU B 87 -12.71 21.02 -14.77
CA LEU B 87 -11.29 21.12 -14.46
C LEU B 87 -10.62 19.76 -14.51
N GLU B 88 -9.74 19.58 -15.49
CA GLU B 88 -8.99 18.33 -15.61
C GLU B 88 -7.59 18.44 -15.02
N LEU B 89 -7.36 17.75 -13.91
CA LEU B 89 -6.09 17.76 -13.23
C LEU B 89 -5.06 16.90 -13.92
N ALA B 90 -3.89 17.50 -14.15
CA ALA B 90 -2.73 16.81 -14.72
C ALA B 90 -3.11 16.33 -16.11
N ALA B 91 -3.34 17.31 -16.98
CA ALA B 91 -4.05 17.11 -18.22
C ALA B 91 -3.15 16.50 -19.23
N GLY B 92 -1.91 16.22 -18.84
CA GLY B 92 -0.88 15.82 -19.80
C GLY B 92 -0.89 16.82 -20.94
N MET B 93 -0.84 16.30 -22.16
CA MET B 93 -0.92 17.19 -23.30
C MET B 93 -2.23 17.08 -24.13
N GLY B 94 -3.32 16.74 -23.43
CA GLY B 94 -4.64 16.90 -24.01
C GLY B 94 -5.27 15.61 -24.48
N ARG B 95 -4.62 14.48 -24.17
CA ARG B 95 -5.07 13.20 -24.65
C ARG B 95 -6.55 12.98 -24.33
N LEU B 96 -6.95 13.42 -23.14
CA LEU B 96 -8.38 13.48 -22.85
C LEU B 96 -8.98 14.86 -23.11
N THR B 97 -8.15 15.91 -22.99
CA THR B 97 -8.64 17.27 -23.02
C THR B 97 -9.26 17.53 -24.39
N PHE B 98 -8.59 17.07 -25.44
CA PHE B 98 -9.11 17.33 -26.77
C PHE B 98 -10.46 16.62 -27.07
N PRO B 99 -10.58 15.33 -26.72
CA PRO B 99 -11.89 14.70 -26.60
C PRO B 99 -12.90 15.55 -25.82
N PHE B 100 -12.59 15.94 -24.59
CA PHE B 100 -13.51 16.74 -23.81
C PHE B 100 -13.98 17.98 -24.54
N LEU B 101 -13.08 18.58 -25.32
CA LEU B 101 -13.42 19.82 -26.02
C LEU B 101 -14.40 19.51 -27.15
N ASP B 102 -14.25 18.33 -27.73
CA ASP B 102 -15.10 17.90 -28.84
C ASP B 102 -16.46 17.55 -28.36
N LEU B 103 -16.59 17.23 -27.09
CA LEU B 103 -17.93 17.15 -26.49
C LEU B 103 -18.49 18.55 -26.27
N GLY B 104 -17.70 19.58 -26.55
CA GLY B 104 -18.17 20.96 -26.48
C GLY B 104 -17.90 21.65 -25.17
N TRP B 105 -17.44 20.85 -24.19
CA TRP B 105 -17.08 21.31 -22.87
C TRP B 105 -16.16 22.54 -22.79
N GLU B 106 -16.18 23.19 -21.62
CA GLU B 106 -15.21 24.21 -21.29
C GLU B 106 -14.21 23.60 -20.31
N VAL B 107 -12.91 23.64 -20.61
CA VAL B 107 -11.94 22.93 -19.75
C VAL B 107 -10.75 23.77 -19.20
N THR B 108 -10.65 23.93 -17.89
CA THR B 108 -9.36 24.36 -17.36
C THR B 108 -8.51 23.09 -17.23
N ALA B 109 -7.41 23.03 -17.97
CA ALA B 109 -6.53 21.87 -17.94
C ALA B 109 -5.32 22.20 -17.10
N LEU B 110 -5.22 21.62 -15.92
CA LEU B 110 -4.07 21.87 -15.06
C LEU B 110 -2.97 20.86 -15.37
N GLU B 111 -1.74 21.34 -15.56
CA GLU B 111 -0.59 20.48 -15.77
C GLU B 111 0.63 21.06 -15.06
N LEU B 112 1.54 20.22 -14.60
CA LEU B 112 2.69 20.70 -13.86
C LEU B 112 3.85 21.10 -14.75
N SER B 113 4.10 20.31 -15.79
CA SER B 113 5.34 20.41 -16.59
C SER B 113 5.42 21.56 -17.60
N THR B 114 6.50 22.34 -17.54
CA THR B 114 6.71 23.44 -18.50
C THR B 114 6.84 22.90 -19.94
N SER B 115 7.61 21.82 -20.08
CA SER B 115 7.75 21.14 -21.36
C SER B 115 6.42 20.59 -21.91
N VAL B 116 5.66 19.91 -21.07
CA VAL B 116 4.41 19.30 -21.52
C VAL B 116 3.40 20.40 -21.89
N LEU B 117 3.45 21.51 -21.17
CA LEU B 117 2.57 22.61 -21.47
C LEU B 117 2.93 23.17 -22.83
N ALA B 118 4.22 23.17 -23.15
CA ALA B 118 4.69 23.62 -24.46
C ALA B 118 4.05 22.80 -25.56
N ALA B 119 4.13 21.46 -25.45
CA ALA B 119 3.44 20.55 -26.39
C ALA B 119 1.95 20.90 -26.52
N PHE B 120 1.25 20.92 -25.38
CA PHE B 120 -0.17 21.16 -25.32
C PHE B 120 -0.55 22.46 -26.00
N ARG B 121 0.24 23.50 -25.76
CA ARG B 121 -0.02 24.82 -26.27
C ARG B 121 0.08 24.83 -27.78
N LYS B 122 1.04 24.08 -28.31
CA LYS B 122 1.23 24.01 -29.74
C LYS B 122 0.07 23.23 -30.37
N ARG B 123 -0.34 22.15 -29.70
CA ARG B 123 -1.44 21.36 -30.21
C ARG B 123 -2.69 22.22 -30.25
N LEU B 124 -2.92 22.97 -29.18
CA LEU B 124 -4.04 23.90 -29.13
C LEU B 124 -4.00 24.89 -30.27
N ALA B 125 -2.80 25.25 -30.69
CA ALA B 125 -2.65 26.28 -31.71
C ALA B 125 -3.04 25.77 -33.11
N GLU B 126 -3.02 24.44 -33.28
CA GLU B 126 -3.35 23.79 -34.56
C GLU B 126 -4.81 23.39 -34.59
N ALA B 127 -5.41 23.32 -33.42
CA ALA B 127 -6.85 23.15 -33.33
C ALA B 127 -7.54 24.37 -33.93
N PRO B 128 -8.79 24.21 -34.37
CA PRO B 128 -9.52 25.41 -34.75
C PRO B 128 -9.79 26.30 -33.54
N ALA B 129 -10.29 27.51 -33.82
CA ALA B 129 -10.44 28.54 -32.81
C ALA B 129 -11.57 28.34 -31.79
N ASP B 130 -12.67 27.68 -32.16
CA ASP B 130 -13.69 27.42 -31.14
C ASP B 130 -13.23 26.37 -30.13
N VAL B 131 -12.50 25.36 -30.61
CA VAL B 131 -11.81 24.40 -29.73
C VAL B 131 -10.86 25.15 -28.77
N ARG B 132 -9.90 25.84 -29.37
CA ARG B 132 -8.86 26.56 -28.64
C ARG B 132 -9.39 27.53 -27.59
N ASP B 133 -10.44 28.28 -27.91
CA ASP B 133 -11.01 29.29 -26.98
C ASP B 133 -11.86 28.72 -25.83
N ARG B 134 -11.97 27.40 -25.77
CA ARG B 134 -12.70 26.74 -24.72
C ARG B 134 -11.73 26.08 -23.75
N CYS B 135 -10.44 26.30 -24.00
CA CYS B 135 -9.40 25.63 -23.25
C CYS B 135 -8.50 26.61 -22.56
N THR B 136 -8.51 26.58 -21.23
CA THR B 136 -7.60 27.43 -20.47
C THR B 136 -6.54 26.59 -19.77
N LEU B 137 -5.29 26.83 -20.14
CA LEU B 137 -4.17 26.09 -19.59
C LEU B 137 -3.72 26.73 -18.30
N VAL B 138 -3.21 25.93 -17.36
CA VAL B 138 -2.61 26.46 -16.13
C VAL B 138 -1.50 25.51 -15.62
N GLN B 139 -0.32 26.10 -15.34
CA GLN B 139 0.74 25.38 -14.66
C GLN B 139 0.26 25.29 -13.25
N GLY B 140 0.47 24.13 -12.64
CA GLY B 140 -0.06 23.85 -11.30
C GLY B 140 0.40 22.51 -10.78
N ASP B 141 0.04 22.24 -9.54
CA ASP B 141 0.36 20.98 -8.93
C ASP B 141 -0.91 20.36 -8.40
N MET B 142 -1.30 19.23 -8.97
CA MET B 142 -2.56 18.59 -8.63
C MET B 142 -2.64 18.21 -7.15
N SER B 143 -1.50 18.14 -6.47
CA SER B 143 -1.51 17.79 -5.05
C SER B 143 -1.64 19.01 -4.13
N ALA B 144 -1.50 20.20 -4.71
CA ALA B 144 -1.59 21.46 -3.97
C ALA B 144 -1.73 22.59 -4.96
N PHE B 145 -2.93 23.12 -5.07
CA PHE B 145 -3.17 24.21 -5.98
C PHE B 145 -4.38 24.98 -5.47
N ALA B 146 -4.32 26.29 -5.63
CA ALA B 146 -5.50 27.12 -5.46
C ALA B 146 -5.62 27.86 -6.77
N LEU B 147 -6.87 28.09 -7.15
CA LEU B 147 -7.24 28.68 -8.39
C LEU B 147 -8.33 29.63 -8.03
N ASP B 148 -8.71 29.60 -6.78
CA ASP B 148 -9.65 30.58 -6.30
C ASP B 148 -11.04 30.46 -6.90
N LYS B 149 -11.15 29.87 -8.07
CA LYS B 149 -12.45 29.57 -8.68
C LYS B 149 -12.95 28.21 -8.26
N ARG B 150 -14.25 27.95 -8.36
CA ARG B 150 -14.75 26.58 -8.19
C ARG B 150 -15.25 26.01 -9.51
N PHE B 151 -15.48 24.71 -9.56
CA PHE B 151 -15.93 24.11 -10.80
C PHE B 151 -17.11 23.20 -10.58
N GLY B 152 -18.01 23.18 -11.56
CA GLY B 152 -19.02 22.12 -11.68
C GLY B 152 -18.41 20.74 -11.55
N THR B 153 -17.54 20.37 -12.49
CA THR B 153 -16.98 19.03 -12.54
C THR B 153 -15.47 19.10 -12.28
N VAL B 154 -14.93 18.07 -11.61
CA VAL B 154 -13.48 17.90 -11.52
C VAL B 154 -13.12 16.50 -12.00
N VAL B 155 -12.05 16.42 -12.78
CA VAL B 155 -11.75 15.22 -13.52
C VAL B 155 -10.24 14.90 -13.45
N ILE B 156 -9.91 13.63 -13.30
CA ILE B 156 -8.52 13.19 -13.30
C ILE B 156 -8.43 11.78 -13.83
N SER B 157 -7.31 11.46 -14.46
CA SER B 157 -7.12 10.21 -15.19
C SER B 157 -6.23 9.21 -14.42
N SER B 158 -6.42 7.90 -14.69
CA SER B 158 -5.68 6.89 -13.93
C SER B 158 -4.20 7.19 -13.88
N GLY B 159 -3.59 7.39 -15.04
CA GLY B 159 -2.17 7.74 -15.04
C GLY B 159 -1.75 8.92 -14.17
N SER B 160 -2.66 9.87 -13.97
CA SER B 160 -2.35 11.06 -13.16
C SER B 160 -2.39 10.71 -11.69
N ILE B 161 -3.45 10.06 -11.25
CA ILE B 161 -3.47 9.73 -9.85
C ILE B 161 -2.38 8.70 -9.47
N ASN B 162 -2.05 7.77 -10.35
CA ASN B 162 -1.01 6.82 -10.01
C ASN B 162 0.38 7.44 -9.86
N GLU B 163 0.51 8.70 -10.22
CA GLU B 163 1.77 9.41 -10.15
C GLU B 163 2.03 10.02 -8.78
N LEU B 164 1.04 10.02 -7.91
CA LEU B 164 1.19 10.60 -6.58
C LEU B 164 1.35 9.48 -5.56
N ASP B 165 2.21 9.64 -4.56
CA ASP B 165 2.15 8.74 -3.41
C ASP B 165 0.95 9.08 -2.46
N GLU B 166 0.86 8.34 -1.35
CA GLU B 166 -0.25 8.46 -0.42
C GLU B 166 -0.45 9.89 0.10
N ALA B 167 0.63 10.48 0.59
CA ALA B 167 0.56 11.78 1.24
C ALA B 167 0.03 12.78 0.24
N ASP B 168 0.62 12.78 -0.96
CA ASP B 168 0.22 13.69 -2.01
C ASP B 168 -1.23 13.52 -2.44
N ARG B 169 -1.72 12.27 -2.39
CA ARG B 169 -3.08 12.01 -2.79
C ARG B 169 -4.00 12.64 -1.75
N ARG B 170 -3.61 12.56 -0.47
CA ARG B 170 -4.33 13.25 0.59
C ARG B 170 -4.48 14.72 0.23
N GLY B 171 -3.40 15.31 -0.28
CA GLY B 171 -3.43 16.71 -0.70
C GLY B 171 -4.34 16.95 -1.89
N LEU B 172 -4.23 16.09 -2.88
CA LEU B 172 -5.15 16.12 -4.01
C LEU B 172 -6.62 16.20 -3.53
N TYR B 173 -7.08 15.23 -2.74
CA TYR B 173 -8.47 15.24 -2.34
C TYR B 173 -8.82 16.54 -1.63
N ALA B 174 -7.89 17.07 -0.85
CA ALA B 174 -8.11 18.32 -0.11
C ALA B 174 -8.29 19.50 -1.05
N SER B 175 -7.37 19.61 -2.03
CA SER B 175 -7.44 20.57 -3.11
C SER B 175 -8.78 20.41 -3.81
N VAL B 176 -8.97 19.26 -4.44
CA VAL B 176 -10.19 18.99 -5.18
C VAL B 176 -11.38 19.48 -4.41
N ARG B 177 -11.51 19.08 -3.16
CA ARG B 177 -12.57 19.62 -2.29
C ARG B 177 -12.68 21.17 -2.39
N GLU B 178 -11.64 21.87 -1.95
CA GLU B 178 -11.54 23.34 -2.00
C GLU B 178 -12.01 23.99 -3.29
N HIS B 179 -12.18 23.17 -4.35
CA HIS B 179 -12.40 23.63 -5.73
C HIS B 179 -13.65 23.04 -6.32
N LEU B 180 -14.42 22.32 -5.51
CA LEU B 180 -15.70 21.82 -5.97
C LEU B 180 -16.82 22.75 -5.55
N GLU B 181 -17.68 23.12 -6.50
CA GLU B 181 -18.91 23.80 -6.10
C GLU B 181 -19.84 22.73 -5.52
N PRO B 182 -20.78 23.14 -4.63
CA PRO B 182 -21.55 22.08 -3.97
C PRO B 182 -22.33 21.25 -4.98
N GLY B 183 -22.57 19.96 -4.70
CA GLY B 183 -23.23 19.08 -5.67
C GLY B 183 -22.30 18.63 -6.79
N GLY B 184 -21.18 19.36 -6.93
CA GLY B 184 -20.19 19.12 -7.97
C GLY B 184 -19.56 17.74 -7.91
N LYS B 185 -19.23 17.18 -9.07
CA LYS B 185 -18.80 15.81 -9.15
C LYS B 185 -17.30 15.74 -9.34
N PHE B 186 -16.67 14.82 -8.62
CA PHE B 186 -15.25 14.52 -8.78
C PHE B 186 -15.11 13.15 -9.48
N LEU B 187 -14.65 13.13 -10.72
CA LEU B 187 -14.57 11.87 -11.46
C LEU B 187 -13.13 11.44 -11.68
N LEU B 188 -12.85 10.16 -11.42
CA LEU B 188 -11.53 9.57 -11.57
C LEU B 188 -11.65 8.29 -12.39
N SER B 189 -10.66 8.01 -13.23
CA SER B 189 -10.60 6.69 -13.85
C SER B 189 -9.36 5.99 -13.30
N LEU B 190 -9.45 4.69 -13.12
CA LEU B 190 -8.42 3.96 -12.39
C LEU B 190 -8.20 2.64 -13.05
N ALA B 191 -6.95 2.39 -13.45
CA ALA B 191 -6.61 1.13 -14.05
C ALA B 191 -6.87 0.03 -13.02
N MET B 192 -7.39 -1.08 -13.47
CA MET B 192 -7.78 -2.18 -12.61
C MET B 192 -7.10 -3.42 -13.15
N SER B 193 -6.17 -3.95 -12.39
CA SER B 193 -5.43 -5.10 -12.82
C SER B 193 -6.21 -6.38 -12.48
N GLU B 194 -5.65 -7.54 -12.81
CA GLU B 194 -6.29 -8.80 -12.51
C GLU B 194 -6.31 -9.06 -11.01
N ALA B 195 -5.26 -8.65 -10.32
CA ALA B 195 -5.24 -8.71 -8.87
C ALA B 195 -6.38 -7.87 -8.28
N ALA B 196 -6.57 -6.66 -8.79
CA ALA B 196 -7.60 -5.80 -8.23
C ALA B 196 -9.05 -6.27 -8.45
N GLU B 197 -9.32 -7.10 -9.44
CA GLU B 197 -10.72 -7.41 -9.79
C GLU B 197 -11.18 -8.73 -9.19
N SER B 198 -10.22 -9.60 -8.89
CA SER B 198 -10.54 -10.98 -8.51
C SER B 198 -11.09 -10.99 -7.12
N GLU B 199 -12.06 -11.86 -6.86
CA GLU B 199 -12.49 -12.08 -5.49
CA GLU B 199 -12.49 -12.06 -5.49
C GLU B 199 -11.31 -12.64 -4.67
N PRO B 200 -10.91 -11.94 -3.59
CA PRO B 200 -9.78 -12.50 -2.84
C PRO B 200 -10.10 -13.89 -2.29
N LEU B 201 -9.18 -14.82 -2.52
CA LEU B 201 -9.25 -16.16 -1.96
C LEU B 201 -9.34 -16.12 -0.44
N GLU B 202 -10.12 -17.02 0.14
CA GLU B 202 -10.38 -16.99 1.57
C GLU B 202 -9.87 -18.27 2.19
N ARG B 203 -9.17 -18.16 3.32
CA ARG B 203 -8.66 -19.34 4.02
C ARG B 203 -9.31 -19.59 5.41
N LYS B 204 -10.08 -20.67 5.53
CA LYS B 204 -10.63 -21.10 6.82
C LYS B 204 -9.52 -21.70 7.67
N GLN B 205 -9.83 -21.99 8.93
CA GLN B 205 -8.99 -22.83 9.81
C GLN B 205 -9.57 -22.96 11.23
N GLU B 206 -9.86 -24.18 11.67
CA GLU B 206 -10.39 -24.41 13.03
C GLU B 206 -9.30 -24.32 14.09
N LEU B 207 -9.61 -23.65 15.21
CA LEU B 207 -8.68 -23.49 16.35
C LEU B 207 -9.36 -23.63 17.73
N PRO B 208 -8.67 -24.28 18.70
CA PRO B 208 -9.14 -24.37 20.08
C PRO B 208 -8.84 -23.10 20.93
N GLY B 209 -9.00 -23.19 22.25
CA GLY B 209 -8.80 -22.06 23.17
C GLY B 209 -7.80 -22.33 24.28
N GLY B 212 -10.65 -23.48 26.34
CA GLY B 212 -10.62 -24.56 25.35
C GLY B 212 -11.62 -24.44 24.21
N ARG B 213 -12.19 -23.25 24.03
CA ARG B 213 -13.28 -23.03 23.07
C ARG B 213 -12.82 -23.09 21.60
N ARG B 214 -13.57 -23.80 20.75
CA ARG B 214 -13.21 -23.90 19.33
C ARG B 214 -13.68 -22.69 18.52
N TYR B 215 -12.75 -22.09 17.77
CA TYR B 215 -13.04 -20.95 16.91
C TYR B 215 -12.80 -21.27 15.42
N VAL B 216 -13.42 -20.47 14.56
CA VAL B 216 -13.19 -20.54 13.12
C VAL B 216 -12.50 -19.25 12.73
N LEU B 217 -11.42 -19.35 11.96
CA LEU B 217 -10.61 -18.18 11.54
C LEU B 217 -10.61 -18.01 10.02
N HIS B 218 -11.12 -16.86 9.56
CA HIS B 218 -11.15 -16.49 8.13
C HIS B 218 -10.15 -15.37 7.79
N VAL B 219 -9.34 -15.58 6.74
CA VAL B 219 -8.32 -14.59 6.31
C VAL B 219 -8.39 -14.27 4.80
N ARG B 220 -8.69 -13.01 4.46
CA ARG B 220 -8.69 -12.50 3.07
C ARG B 220 -7.59 -11.48 2.90
N HIS B 221 -7.03 -11.39 1.69
CA HIS B 221 -6.09 -10.32 1.37
C HIS B 221 -6.65 -9.40 0.30
N LEU B 222 -7.09 -8.23 0.73
CA LEU B 222 -7.62 -7.21 -0.17
C LEU B 222 -6.48 -6.48 -0.88
N PRO B 223 -6.49 -6.44 -2.23
CA PRO B 223 -5.40 -5.73 -2.91
C PRO B 223 -5.46 -4.24 -2.59
N ALA B 224 -4.33 -3.55 -2.71
CA ALA B 224 -4.28 -2.11 -2.41
C ALA B 224 -3.30 -1.38 -3.29
N GLU B 225 -2.07 -1.89 -3.34
CA GLU B 225 -1.12 -1.37 -4.28
C GLU B 225 -0.21 -2.46 -4.84
N GLU B 226 -0.04 -2.42 -6.15
CA GLU B 226 0.94 -3.24 -6.84
C GLU B 226 1.92 -2.38 -7.60
N ILE B 227 2.97 -3.01 -8.12
CA ILE B 227 3.96 -2.34 -8.96
C ILE B 227 3.87 -2.87 -10.39
N GLN B 228 3.70 -1.98 -11.36
CA GLN B 228 3.75 -2.37 -12.77
C GLN B 228 5.18 -2.37 -13.34
N GLU B 229 5.75 -3.55 -13.53
CA GLU B 229 7.14 -3.69 -13.99
C GLU B 229 7.24 -4.12 -15.45
N ILE B 230 7.95 -3.31 -16.24
CA ILE B 230 8.03 -3.49 -17.68
C ILE B 230 9.46 -3.84 -18.12
N THR B 231 9.55 -4.62 -19.20
CA THR B 231 10.82 -4.90 -19.89
C THR B 231 10.55 -4.89 -21.38
N ILE B 232 10.94 -3.79 -22.01
CA ILE B 232 10.85 -3.65 -23.47
C ILE B 232 12.13 -4.26 -24.03
N HIS B 233 12.09 -4.73 -25.29
CA HIS B 233 12.94 -5.85 -25.68
C HIS B 233 13.07 -6.11 -27.19
N PRO B 234 14.31 -5.95 -27.76
CA PRO B 234 14.68 -6.41 -29.12
C PRO B 234 14.72 -7.93 -29.24
N CYS B 245 15.86 -2.01 -21.68
CA CYS B 245 14.71 -1.12 -21.49
C CYS B 245 13.72 -1.49 -20.38
N THR B 246 13.57 -0.58 -19.41
CA THR B 246 13.06 -0.90 -18.07
C THR B 246 12.13 0.18 -17.46
N HIS B 247 11.11 -0.23 -16.72
CA HIS B 247 10.33 0.71 -15.94
C HIS B 247 9.44 0.07 -14.87
N ARG B 248 9.54 0.57 -13.64
CA ARG B 248 8.56 0.22 -12.59
C ARG B 248 7.55 1.37 -12.50
N ARG B 249 6.34 1.11 -12.01
CA ARG B 249 5.37 2.21 -11.74
C ARG B 249 4.20 1.84 -10.82
N ARG B 250 3.57 2.84 -10.24
CA ARG B 250 2.50 2.61 -9.29
C ARG B 250 1.24 2.11 -10.01
N LEU B 251 0.53 1.22 -9.33
CA LEU B 251 -0.73 0.72 -9.82
C LEU B 251 -1.66 0.43 -8.64
N LEU B 252 -2.43 1.45 -8.24
CA LEU B 252 -3.37 1.35 -7.13
C LEU B 252 -4.56 0.47 -7.46
N ALA B 253 -5.16 -0.10 -6.44
CA ALA B 253 -6.36 -0.88 -6.65
C ALA B 253 -7.47 0.14 -6.59
N PRO B 254 -8.34 0.18 -7.61
CA PRO B 254 -9.47 1.09 -7.52
C PRO B 254 -10.10 1.07 -6.11
N ASP B 255 -10.44 -0.12 -5.57
CA ASP B 255 -10.92 -0.20 -4.17
C ASP B 255 -10.09 0.62 -3.12
N GLN B 256 -8.78 0.43 -3.13
CA GLN B 256 -7.87 1.25 -2.31
C GLN B 256 -8.10 2.77 -2.51
N VAL B 257 -8.26 3.21 -3.74
CA VAL B 257 -8.49 4.64 -3.94
C VAL B 257 -9.84 5.03 -3.34
N VAL B 258 -10.85 4.19 -3.55
CA VAL B 258 -12.17 4.51 -3.05
C VAL B 258 -12.10 4.62 -1.53
N ARG B 259 -11.41 3.69 -0.86
CA ARG B 259 -11.32 3.72 0.59
C ARG B 259 -10.75 5.09 0.97
N GLU B 260 -9.72 5.50 0.23
CA GLU B 260 -9.04 6.77 0.49
C GLU B 260 -9.95 7.99 0.27
N LEU B 261 -10.94 7.86 -0.60
CA LEU B 261 -11.75 9.01 -0.91
C LEU B 261 -12.68 9.20 0.25
N VAL B 262 -13.25 8.10 0.72
CA VAL B 262 -14.13 8.08 1.88
C VAL B 262 -13.36 8.61 3.10
N ARG B 263 -12.17 8.06 3.32
CA ARG B 263 -11.38 8.45 4.46
C ARG B 263 -11.17 9.96 4.53
N SER B 264 -11.45 10.68 3.44
CA SER B 264 -11.13 12.09 3.42
C SER B 264 -12.26 13.03 3.02
N GLY B 265 -13.49 12.53 3.03
CA GLY B 265 -14.62 13.43 2.88
C GLY B 265 -15.72 12.99 1.94
N PHE B 266 -15.34 12.40 0.82
CA PHE B 266 -16.33 12.13 -0.20
C PHE B 266 -17.24 10.95 0.14
N ASP B 267 -18.43 10.95 -0.47
CA ASP B 267 -19.27 9.76 -0.59
C ASP B 267 -19.17 9.35 -2.03
N VAL B 268 -18.59 8.17 -2.29
CA VAL B 268 -18.43 7.60 -3.62
C VAL B 268 -19.73 6.97 -4.17
N ILE B 269 -20.35 7.63 -5.15
CA ILE B 269 -21.70 7.20 -5.53
C ILE B 269 -21.76 6.12 -6.61
N ALA B 270 -20.66 5.90 -7.32
CA ALA B 270 -20.62 4.91 -8.39
C ALA B 270 -19.19 4.38 -8.67
N GLN B 271 -19.10 3.13 -9.07
CA GLN B 271 -17.84 2.53 -9.52
C GLN B 271 -18.17 1.71 -10.73
N THR B 272 -17.77 2.20 -11.90
CA THR B 272 -18.20 1.58 -13.14
C THR B 272 -17.05 1.07 -13.96
N PRO B 273 -16.98 -0.25 -14.11
CA PRO B 273 -15.92 -0.85 -14.90
C PRO B 273 -16.19 -0.60 -16.38
N PHE B 274 -15.14 -0.36 -17.15
CA PHE B 274 -15.22 -0.09 -18.56
C PHE B 274 -13.93 -0.49 -19.22
N ALA B 275 -13.99 -0.77 -20.51
CA ALA B 275 -12.79 -1.10 -21.26
C ALA B 275 -12.17 0.20 -21.68
N SER B 276 -10.85 0.28 -21.57
CA SER B 276 -10.10 1.50 -21.90
C SER B 276 -10.10 1.68 -23.40
N GLY B 277 -9.91 0.56 -24.12
CA GLY B 277 -9.92 0.58 -25.57
C GLY B 277 -11.28 0.99 -26.11
N GLY B 278 -12.31 0.80 -25.29
CA GLY B 278 -13.71 0.97 -25.68
C GLY B 278 -14.25 -0.30 -26.30
N ALA B 279 -13.61 -1.44 -25.99
CA ALA B 279 -13.96 -2.80 -26.43
C ALA B 279 -13.13 -3.83 -25.65
N GLY B 280 -13.62 -5.06 -25.55
CA GLY B 280 -12.93 -6.13 -24.84
C GLY B 280 -13.19 -6.10 -23.34
N ARG B 281 -12.34 -6.83 -22.61
CA ARG B 281 -12.37 -6.84 -21.16
C ARG B 281 -12.33 -5.44 -20.55
N LYS B 282 -13.12 -5.25 -19.49
CA LYS B 282 -13.15 -4.00 -18.78
C LYS B 282 -11.92 -3.96 -17.89
N ASP B 283 -11.00 -3.06 -18.22
CA ASP B 283 -9.70 -3.02 -17.58
C ASP B 283 -9.53 -1.76 -16.76
N MET B 284 -10.62 -1.02 -16.56
CA MET B 284 -10.53 0.27 -15.88
C MET B 284 -11.78 0.53 -15.02
N VAL B 285 -11.74 1.49 -14.11
CA VAL B 285 -12.92 1.80 -13.35
C VAL B 285 -13.16 3.30 -13.32
N LEU B 286 -14.38 3.73 -13.65
CA LEU B 286 -14.71 5.13 -13.48
C LEU B 286 -15.43 5.36 -12.19
N VAL B 287 -14.82 6.13 -11.30
CA VAL B 287 -15.35 6.40 -9.97
C VAL B 287 -15.95 7.79 -9.87
N GLU B 288 -17.18 7.89 -9.35
CA GLU B 288 -17.87 9.18 -9.15
C GLU B 288 -17.87 9.58 -7.67
N ALA B 289 -17.41 10.78 -7.37
CA ALA B 289 -17.41 11.25 -6.00
C ALA B 289 -18.01 12.64 -5.86
N VAL B 290 -18.66 12.86 -4.70
CA VAL B 290 -19.33 14.11 -4.39
C VAL B 290 -19.10 14.45 -2.94
N MET B 291 -19.25 15.72 -2.60
CA MET B 291 -19.03 16.19 -1.26
C MET B 291 -20.38 16.27 -0.55
N PRO B 292 -20.52 15.58 0.61
CA PRO B 292 -21.73 15.66 1.44
C PRO B 292 -21.87 16.99 2.15
N SAH C . 7.40 -6.82 18.50
CA SAH C . 6.17 -7.26 19.24
CB SAH C . 4.98 -6.31 19.11
CG SAH C . 4.61 -5.88 17.70
SD SAH C . 2.89 -5.31 17.60
C SAH C . 5.76 -8.67 18.82
O SAH C . 6.48 -9.32 18.03
OXT SAH C . 4.70 -9.16 19.25
C5' SAH C . 3.18 -3.56 17.19
C4' SAH C . 3.66 -2.71 18.34
O4' SAH C . 4.16 -1.51 17.82
C3' SAH C . 2.54 -2.31 19.27
O3' SAH C . 2.94 -2.70 20.55
C2' SAH C . 2.42 -0.78 19.18
O2' SAH C . 2.19 -0.15 20.41
C1' SAH C . 3.78 -0.41 18.62
N9 SAH C . 3.84 0.82 17.80
C8 SAH C . 2.96 1.23 16.85
N7 SAH C . 3.39 2.39 16.29
C5 SAH C . 4.57 2.70 16.86
C6 SAH C . 5.45 3.76 16.67
N6 SAH C . 5.17 4.70 15.76
N1 SAH C . 6.62 3.81 17.42
C2 SAH C . 6.93 2.84 18.35
N3 SAH C . 6.04 1.79 18.53
C4 SAH C . 4.88 1.72 17.81
SD SAH D . -0.09 11.17 -17.42
C5' SAH D . 0.90 12.01 -16.17
C4' SAH D . 0.84 13.52 -16.38
O4' SAH D . 0.64 14.18 -15.14
C3' SAH D . 2.14 14.01 -17.01
O3' SAH D . 1.78 14.86 -18.08
C2' SAH D . 2.81 14.76 -15.86
O2' SAH D . 3.65 15.82 -16.30
C1' SAH D . 1.62 15.22 -15.00
N9 SAH D . 1.91 15.40 -13.55
C8 SAH D . 2.77 14.65 -12.79
N7 SAH D . 2.77 15.14 -11.53
C5 SAH D . 1.92 16.19 -11.48
C6 SAH D . 1.54 17.02 -10.44
N6 SAH D . 2.04 16.86 -9.23
N1 SAH D . 0.63 18.04 -10.69
C2 SAH D . 0.09 18.21 -11.97
N3 SAH D . 0.48 17.36 -13.00
C4 SAH D . 1.37 16.37 -12.75
#